data_3P5I
#
_entry.id   3P5I
#
_cell.length_a   79.81
_cell.length_b   79.81
_cell.length_c   90.74
_cell.angle_alpha   90.00
_cell.angle_beta   90.00
_cell.angle_gamma   90.00
#
_symmetry.space_group_name_H-M   'P 42'
#
loop_
_entity.id
_entity.type
_entity.pdbx_description
1 polymer 'C-type lectin domain family 4 member K'
2 branched 6-O-sulfo-beta-D-galactopyranose-(1-4)-2-acetamido-2-deoxy-beta-D-glucopyranose
3 non-polymer 'CALCIUM ION'
4 water water
#
_entity_poly.entity_id   1
_entity_poly.type   'polypeptide(L)'
_entity_poly.pdbx_seq_one_letter_code
;QVVSQGWKYFKGNFYYFSLIPKTWYSAEQFCVSRNSHLTSVTSESEQEFLYKTAGGLIYWIGLTKAGMEGDWSWVDDTPF
NKVQSARFWIPGEPNNAGNNEHCGNIKAPSLQAWNDAPCDKTFLFICKRPYVPSEP
;
_entity_poly.pdbx_strand_id   A,B,C,D
#
# COMPACT_ATOMS: atom_id res chain seq x y z
N GLY A 6 6.54 -27.68 4.55
CA GLY A 6 6.28 -27.94 3.15
C GLY A 6 6.79 -26.87 2.20
N TRP A 7 7.32 -25.78 2.73
CA TRP A 7 7.79 -24.68 1.90
C TRP A 7 9.07 -25.02 1.14
N LYS A 8 9.10 -24.66 -0.14
CA LYS A 8 10.26 -24.90 -0.99
C LYS A 8 11.10 -23.64 -1.16
N TYR A 9 12.42 -23.77 -1.08
CA TYR A 9 13.32 -22.60 -1.14
C TYR A 9 13.88 -22.34 -2.54
N PHE A 10 13.76 -21.11 -3.01
CA PHE A 10 14.33 -20.72 -4.31
C PHE A 10 14.72 -19.25 -4.30
N LYS A 11 16.03 -18.99 -4.46
CA LYS A 11 16.57 -17.64 -4.58
C LYS A 11 16.00 -16.61 -3.59
N GLY A 12 16.17 -16.88 -2.30
CA GLY A 12 15.81 -15.91 -1.28
C GLY A 12 14.33 -15.86 -0.90
N ASN A 13 13.56 -16.77 -1.48
CA ASN A 13 12.15 -16.89 -1.16
C ASN A 13 11.75 -18.32 -0.87
N PHE A 14 10.78 -18.49 0.03
CA PHE A 14 10.09 -19.77 0.22
C PHE A 14 8.77 -19.78 -0.51
N TYR A 15 8.42 -20.94 -1.06
CA TYR A 15 7.19 -21.13 -1.81
C TYR A 15 6.39 -22.27 -1.22
N TYR A 16 5.07 -22.04 -1.10
CA TYR A 16 4.15 -23.05 -0.64
C TYR A 16 3.23 -23.44 -1.80
N PHE A 17 3.32 -24.69 -2.23
CA PHE A 17 2.38 -25.18 -3.23
C PHE A 17 1.26 -25.91 -2.52
N SER A 18 0.06 -25.34 -2.55
CA SER A 18 -1.02 -25.86 -1.72
C SER A 18 -1.48 -27.23 -2.13
N LEU A 19 -2.06 -27.94 -1.18
CA LEU A 19 -2.66 -29.24 -1.40
C LEU A 19 -4.17 -29.14 -1.54
N ILE A 20 -4.74 -28.03 -1.08
CA ILE A 20 -6.17 -27.81 -1.10
C ILE A 20 -6.48 -26.64 -2.02
N PRO A 21 -7.52 -26.76 -2.85
CA PRO A 21 -7.84 -25.65 -3.77
C PRO A 21 -8.72 -24.59 -3.12
N LYS A 22 -8.56 -23.34 -3.53
CA LYS A 22 -9.35 -22.22 -3.02
C LYS A 22 -9.61 -21.22 -4.14
N THR A 23 -10.59 -20.34 -3.95
CA THR A 23 -10.75 -19.21 -4.84
C THR A 23 -9.53 -18.33 -4.69
N TRP A 24 -9.34 -17.40 -5.63
CA TRP A 24 -8.14 -16.58 -5.64
C TRP A 24 -7.99 -15.81 -4.32
N TYR A 25 -9.07 -15.16 -3.87
CA TYR A 25 -8.98 -14.35 -2.66
C TYR A 25 -8.86 -15.17 -1.39
N SER A 26 -9.56 -16.30 -1.32
CA SER A 26 -9.42 -17.16 -0.15
C SER A 26 -8.01 -17.73 -0.07
N ALA A 27 -7.42 -17.97 -1.25
CA ALA A 27 -6.04 -18.42 -1.31
C ALA A 27 -5.12 -17.31 -0.79
N GLU A 28 -5.31 -16.08 -1.32
CA GLU A 28 -4.50 -14.96 -0.87
C GLU A 28 -4.62 -14.77 0.63
N GLN A 29 -5.83 -14.85 1.14
CA GLN A 29 -6.03 -14.78 2.58
C GLN A 29 -5.28 -15.87 3.32
N PHE A 30 -5.28 -17.08 2.77
CA PHE A 30 -4.51 -18.13 3.39
C PHE A 30 -3.02 -17.77 3.40
N CYS A 31 -2.49 -17.29 2.27
CA CYS A 31 -1.09 -16.90 2.24
C CYS A 31 -0.79 -15.82 3.28
N VAL A 32 -1.68 -14.84 3.34
CA VAL A 32 -1.46 -13.71 4.24
C VAL A 32 -1.43 -14.20 5.68
N SER A 33 -2.23 -15.21 5.96
CA SER A 33 -2.28 -15.79 7.30
C SER A 33 -0.99 -16.53 7.64
N ARG A 34 -0.20 -16.83 6.62
CA ARG A 34 1.09 -17.47 6.81
C ARG A 34 2.23 -16.52 6.48
N ASN A 35 1.97 -15.22 6.67
CA ASN A 35 2.98 -14.18 6.49
C ASN A 35 3.54 -14.22 5.07
N SER A 36 2.67 -14.45 4.09
CA SER A 36 3.09 -14.51 2.69
C SER A 36 2.03 -13.90 1.77
N HIS A 37 2.23 -14.05 0.47
CA HIS A 37 1.30 -13.56 -0.53
C HIS A 37 1.30 -14.57 -1.67
N LEU A 38 0.19 -14.66 -2.42
CA LEU A 38 0.25 -15.36 -3.70
C LEU A 38 1.44 -14.84 -4.50
N THR A 39 2.14 -15.76 -5.14
CA THR A 39 3.45 -15.43 -5.70
C THR A 39 3.41 -14.45 -6.88
N SER A 40 4.37 -13.54 -6.89
CA SER A 40 4.67 -12.73 -8.07
C SER A 40 5.69 -13.52 -8.90
N VAL A 41 5.89 -13.12 -10.16
CA VAL A 41 6.88 -13.78 -11.00
C VAL A 41 7.62 -12.71 -11.74
N THR A 42 8.93 -12.60 -11.52
CA THR A 42 9.65 -11.46 -12.08
C THR A 42 10.91 -11.85 -12.84
N SER A 43 11.10 -13.13 -13.09
CA SER A 43 12.25 -13.60 -13.86
C SER A 43 11.94 -14.90 -14.57
N GLU A 44 12.68 -15.17 -15.65
CA GLU A 44 12.53 -16.44 -16.34
C GLU A 44 12.86 -17.61 -15.43
N SER A 45 13.84 -17.43 -14.56
CA SER A 45 14.23 -18.53 -13.68
C SER A 45 13.16 -18.80 -12.63
N GLU A 46 12.47 -17.76 -12.18
CA GLU A 46 11.35 -17.95 -11.26
C GLU A 46 10.18 -18.60 -11.98
N GLN A 47 9.85 -18.08 -13.17
CA GLN A 47 8.79 -18.70 -13.96
C GLN A 47 9.08 -20.19 -14.17
N GLU A 48 10.32 -20.50 -14.51
CA GLU A 48 10.75 -21.88 -14.73
C GLU A 48 10.65 -22.73 -13.46
N PHE A 49 11.10 -22.18 -12.35
CA PHE A 49 11.01 -22.89 -11.08
C PHE A 49 9.56 -23.21 -10.77
N LEU A 50 8.67 -22.24 -10.94
CA LEU A 50 7.26 -22.43 -10.65
C LEU A 50 6.58 -23.46 -11.58
N TYR A 51 6.73 -23.31 -12.89
CA TYR A 51 6.02 -24.24 -13.78
C TYR A 51 6.60 -25.65 -13.70
N LYS A 52 7.90 -25.78 -13.46
CA LYS A 52 8.49 -27.11 -13.31
C LYS A 52 7.96 -27.77 -12.05
N THR A 53 7.87 -26.99 -10.97
CA THR A 53 7.35 -27.50 -9.72
C THR A 53 5.85 -27.82 -9.78
N ALA A 54 5.10 -27.03 -10.54
CA ALA A 54 3.66 -27.24 -10.67
C ALA A 54 3.30 -28.57 -11.33
N GLY A 55 4.25 -29.12 -12.08
CA GLY A 55 4.07 -30.43 -12.71
C GLY A 55 2.81 -30.59 -13.54
N GLY A 56 2.47 -29.58 -14.33
CA GLY A 56 1.35 -29.66 -15.25
C GLY A 56 -0.03 -29.33 -14.68
N LEU A 57 -0.08 -29.08 -13.37
CA LEU A 57 -1.34 -28.69 -12.73
C LEU A 57 -1.48 -27.18 -12.66
N ILE A 58 -2.71 -26.72 -12.53
CA ILE A 58 -2.99 -25.29 -12.49
C ILE A 58 -2.96 -24.74 -11.06
N TYR A 59 -2.25 -23.62 -10.88
CA TYR A 59 -2.12 -22.97 -9.58
C TYR A 59 -2.41 -21.49 -9.69
N TRP A 60 -3.24 -20.97 -8.79
CA TRP A 60 -3.37 -19.52 -8.67
C TRP A 60 -2.00 -18.90 -8.35
N ILE A 61 -1.67 -17.80 -9.01
CA ILE A 61 -0.54 -16.96 -8.60
C ILE A 61 -1.10 -15.56 -8.28
N GLY A 62 -0.22 -14.62 -7.92
CA GLY A 62 -0.64 -13.34 -7.41
C GLY A 62 -1.11 -12.33 -8.45
N LEU A 63 -1.42 -12.82 -9.64
CA LEU A 63 -1.82 -11.95 -10.75
C LEU A 63 -3.27 -11.54 -10.57
N THR A 64 -3.55 -10.24 -10.67
CA THR A 64 -4.94 -9.79 -10.55
C THR A 64 -5.11 -8.39 -11.14
N LYS A 65 -6.30 -8.10 -11.67
CA LYS A 65 -6.54 -6.80 -12.30
C LYS A 65 -6.69 -5.68 -11.28
N ALA A 66 -6.24 -4.48 -11.63
CA ALA A 66 -6.32 -3.31 -10.76
C ALA A 66 -6.37 -2.00 -11.54
N GLY A 67 -6.98 -0.98 -10.95
CA GLY A 67 -7.17 0.29 -11.64
C GLY A 67 -8.31 0.24 -12.64
N MET A 68 -8.71 1.42 -13.12
CA MET A 68 -9.82 1.55 -14.06
C MET A 68 -9.48 0.93 -15.41
N GLU A 69 -8.19 0.89 -15.73
CA GLU A 69 -7.74 0.35 -17.01
C GLU A 69 -7.86 -1.16 -17.03
N GLY A 70 -7.96 -1.76 -15.85
CA GLY A 70 -7.96 -3.20 -15.74
C GLY A 70 -6.57 -3.76 -15.95
N ASP A 71 -5.55 -2.97 -15.62
CA ASP A 71 -4.17 -3.40 -15.78
C ASP A 71 -3.91 -4.54 -14.80
N TRP A 72 -3.10 -5.47 -15.22
CA TRP A 72 -2.66 -6.55 -14.34
C TRP A 72 -1.72 -5.99 -13.29
N SER A 73 -1.76 -6.62 -12.11
CA SER A 73 -0.92 -6.19 -11.00
C SER A 73 -0.58 -7.43 -10.19
N TRP A 74 0.37 -7.28 -9.27
CA TRP A 74 0.74 -8.34 -8.35
C TRP A 74 0.21 -8.02 -6.97
N VAL A 75 -0.45 -8.98 -6.34
CA VAL A 75 -1.03 -8.73 -5.03
C VAL A 75 0.05 -8.41 -3.99
N ASP A 76 1.28 -8.86 -4.22
CA ASP A 76 2.35 -8.58 -3.25
C ASP A 76 2.98 -7.20 -3.47
N ASP A 77 2.41 -6.46 -4.41
CA ASP A 77 2.78 -5.06 -4.69
C ASP A 77 4.05 -4.87 -5.50
N THR A 78 4.67 -5.95 -5.94
CA THR A 78 5.67 -5.86 -6.99
C THR A 78 5.05 -5.07 -8.16
N PRO A 79 5.72 -4.00 -8.62
CA PRO A 79 5.19 -3.34 -9.82
C PRO A 79 5.08 -4.33 -10.98
N PHE A 80 3.98 -4.27 -11.71
CA PHE A 80 3.79 -5.17 -12.84
C PHE A 80 4.41 -4.56 -14.10
N ASN A 81 5.32 -5.30 -14.73
CA ASN A 81 6.07 -4.81 -15.89
C ASN A 81 5.49 -5.43 -17.15
N LYS A 82 4.71 -4.66 -17.89
CA LYS A 82 3.95 -5.20 -19.02
C LYS A 82 4.88 -5.73 -20.11
N VAL A 83 5.95 -5.00 -20.38
CA VAL A 83 6.90 -5.36 -21.41
C VAL A 83 7.69 -6.62 -21.07
N GLN A 84 8.19 -6.70 -19.84
CA GLN A 84 9.03 -7.82 -19.44
C GLN A 84 8.21 -9.06 -19.12
N SER A 85 6.89 -8.91 -19.04
CA SER A 85 5.98 -10.00 -18.69
CA SER A 85 6.05 -10.05 -18.70
C SER A 85 5.26 -10.57 -19.90
N ALA A 86 5.36 -9.87 -21.02
CA ALA A 86 4.64 -10.30 -22.22
C ALA A 86 5.00 -11.73 -22.59
N ARG A 87 6.23 -12.14 -22.30
CA ARG A 87 6.71 -13.44 -22.72
C ARG A 87 6.12 -14.57 -21.87
N PHE A 88 5.46 -14.24 -20.77
CA PHE A 88 5.04 -15.24 -19.78
C PHE A 88 3.61 -15.76 -19.93
N TRP A 89 2.83 -15.13 -20.80
CA TRP A 89 1.46 -15.55 -21.03
C TRP A 89 1.39 -16.70 -22.03
N ILE A 90 0.41 -17.58 -21.87
CA ILE A 90 0.09 -18.56 -22.92
C ILE A 90 -0.41 -17.78 -24.13
N PRO A 91 0.06 -18.15 -25.33
CA PRO A 91 -0.45 -17.48 -26.53
C PRO A 91 -1.96 -17.38 -26.53
N GLY A 92 -2.48 -16.16 -26.70
CA GLY A 92 -3.91 -15.93 -26.73
C GLY A 92 -4.49 -15.41 -25.43
N GLU A 93 -3.67 -15.48 -24.38
CA GLU A 93 -4.07 -14.93 -23.09
C GLU A 93 -3.27 -13.64 -22.83
N PRO A 94 -3.82 -12.74 -22.00
CA PRO A 94 -5.14 -12.87 -21.38
C PRO A 94 -6.23 -12.59 -22.39
N ASN A 95 -7.24 -13.44 -22.45
CA ASN A 95 -8.31 -13.27 -23.42
C ASN A 95 -9.61 -12.85 -22.75
N ASN A 96 -9.54 -12.64 -21.45
CA ASN A 96 -10.70 -12.20 -20.67
C ASN A 96 -12.03 -12.88 -21.06
N ALA A 97 -12.04 -14.20 -21.05
CA ALA A 97 -13.25 -14.95 -21.42
C ALA A 97 -14.48 -14.57 -20.59
N GLY A 98 -15.60 -14.31 -21.27
CA GLY A 98 -16.83 -13.96 -20.62
C GLY A 98 -16.80 -12.64 -19.85
N ASN A 99 -15.83 -11.79 -20.17
CA ASN A 99 -15.62 -10.55 -19.42
C ASN A 99 -15.58 -10.83 -17.91
N ASN A 100 -14.99 -11.95 -17.54
CA ASN A 100 -14.98 -12.33 -16.13
C ASN A 100 -13.73 -13.09 -15.70
N GLU A 101 -12.60 -12.81 -16.33
CA GLU A 101 -11.35 -13.44 -15.95
C GLU A 101 -10.39 -12.36 -15.46
N HIS A 102 -10.48 -12.07 -14.16
CA HIS A 102 -9.78 -10.93 -13.57
C HIS A 102 -8.66 -11.33 -12.61
N CYS A 103 -8.33 -12.63 -12.59
CA CYS A 103 -7.19 -13.14 -11.81
C CYS A 103 -6.38 -14.06 -12.70
N GLY A 104 -5.17 -14.38 -12.27
CA GLY A 104 -4.24 -15.10 -13.13
C GLY A 104 -3.70 -16.33 -12.47
N ASN A 105 -3.58 -17.40 -13.24
CA ASN A 105 -2.99 -18.65 -12.78
C ASN A 105 -1.85 -19.10 -13.69
N ILE A 106 -1.03 -20.01 -13.18
CA ILE A 106 -0.02 -20.70 -13.98
C ILE A 106 -0.66 -21.98 -14.45
N LYS A 107 -0.58 -22.25 -15.76
CA LYS A 107 -1.34 -23.33 -16.36
C LYS A 107 -0.44 -24.25 -17.21
N ALA A 108 0.22 -23.69 -18.22
CA ALA A 108 1.03 -24.49 -19.13
C ALA A 108 2.44 -24.70 -18.59
N PRO A 109 2.98 -25.91 -18.78
CA PRO A 109 4.34 -26.23 -18.32
C PRO A 109 5.35 -25.71 -19.33
N SER A 110 5.46 -24.38 -19.38
CA SER A 110 6.24 -23.68 -20.39
C SER A 110 6.52 -22.29 -19.83
N LEU A 111 7.55 -21.61 -20.32
CA LEU A 111 7.72 -20.22 -19.96
C LEU A 111 6.46 -19.45 -20.32
N GLN A 112 5.80 -19.85 -21.40
CA GLN A 112 4.52 -19.24 -21.73
C GLN A 112 3.40 -19.97 -20.98
N ALA A 113 3.17 -19.56 -19.73
CA ALA A 113 2.42 -20.37 -18.76
C ALA A 113 1.13 -19.75 -18.23
N TRP A 114 1.06 -18.42 -18.22
CA TRP A 114 -0.04 -17.74 -17.53
C TRP A 114 -1.34 -17.72 -18.30
N ASN A 115 -2.43 -17.75 -17.54
CA ASN A 115 -3.78 -17.60 -18.05
C ASN A 115 -4.62 -16.76 -17.12
N ASP A 116 -5.55 -16.00 -17.68
CA ASP A 116 -6.55 -15.33 -16.87
C ASP A 116 -7.81 -16.19 -16.74
N ALA A 117 -8.31 -16.28 -15.52
CA ALA A 117 -9.43 -17.13 -15.18
C ALA A 117 -10.27 -16.43 -14.14
N PRO A 118 -11.53 -16.88 -13.95
CA PRO A 118 -12.41 -16.19 -13.01
C PRO A 118 -11.93 -16.32 -11.56
N CYS A 119 -11.89 -15.19 -10.84
CA CYS A 119 -11.36 -15.16 -9.48
C CYS A 119 -12.09 -16.12 -8.54
N ASP A 120 -13.35 -16.41 -8.86
CA ASP A 120 -14.14 -17.24 -7.97
C ASP A 120 -14.05 -18.75 -8.24
N LYS A 121 -13.23 -19.12 -9.21
CA LYS A 121 -12.94 -20.52 -9.51
C LYS A 121 -11.93 -21.04 -8.48
N THR A 122 -12.00 -22.31 -8.12
CA THR A 122 -11.09 -22.86 -7.12
C THR A 122 -9.96 -23.63 -7.78
N PHE A 123 -8.73 -23.31 -7.38
CA PHE A 123 -7.53 -24.01 -7.85
C PHE A 123 -6.58 -24.16 -6.69
N LEU A 124 -5.63 -25.07 -6.83
CA LEU A 124 -4.47 -25.06 -5.95
C LEU A 124 -3.80 -23.70 -6.12
N PHE A 125 -2.92 -23.33 -5.19
CA PHE A 125 -2.34 -21.98 -5.23
C PHE A 125 -0.92 -21.99 -4.69
N ILE A 126 -0.15 -20.96 -5.05
CA ILE A 126 1.24 -20.87 -4.61
C ILE A 126 1.51 -19.61 -3.82
N CYS A 127 1.93 -19.75 -2.56
CA CYS A 127 2.32 -18.62 -1.71
C CYS A 127 3.81 -18.37 -1.83
N LYS A 128 4.22 -17.12 -1.67
CA LYS A 128 5.63 -16.77 -1.66
C LYS A 128 5.92 -15.92 -0.43
N ARG A 129 7.01 -16.27 0.26
CA ARG A 129 7.37 -15.67 1.54
C ARG A 129 8.87 -15.37 1.48
N PRO A 130 9.25 -14.10 1.69
CA PRO A 130 10.67 -13.76 1.70
C PRO A 130 11.41 -14.44 2.84
N TYR A 131 12.65 -14.85 2.58
CA TYR A 131 13.52 -15.33 3.65
C TYR A 131 14.29 -14.12 4.16
N VAL A 132 14.29 -13.93 5.48
CA VAL A 132 15.00 -12.79 6.06
C VAL A 132 16.05 -13.22 7.10
N PRO A 133 17.31 -13.36 6.65
CA PRO A 133 18.43 -13.85 7.47
C PRO A 133 18.68 -12.97 8.69
N GLY B 6 5.24 7.01 27.16
CA GLY B 6 4.50 8.26 27.27
C GLY B 6 3.44 8.45 26.19
N TRP B 7 2.86 7.36 25.70
CA TRP B 7 1.82 7.44 24.69
C TRP B 7 0.50 7.92 25.29
N LYS B 8 -0.18 8.82 24.61
CA LYS B 8 -1.46 9.34 25.13
C LYS B 8 -2.63 8.72 24.40
N TYR B 9 -3.68 8.36 25.13
CA TYR B 9 -4.81 7.67 24.54
C TYR B 9 -5.92 8.63 24.12
N PHE B 10 -6.51 8.38 22.97
CA PHE B 10 -7.70 9.10 22.55
C PHE B 10 -8.48 8.30 21.51
N LYS B 11 -9.74 8.01 21.83
CA LYS B 11 -10.66 7.31 20.93
C LYS B 11 -10.05 6.17 20.12
N GLY B 12 -9.54 5.17 20.83
CA GLY B 12 -9.07 3.93 20.21
C GLY B 12 -7.69 3.99 19.58
N ASN B 13 -7.00 5.13 19.74
CA ASN B 13 -5.64 5.27 19.25
C ASN B 13 -4.70 5.80 20.35
N PHE B 14 -3.42 5.44 20.26
CA PHE B 14 -2.39 6.04 21.12
C PHE B 14 -1.51 7.00 20.31
N TYR B 15 -1.10 8.10 20.96
CA TYR B 15 -0.35 9.15 20.29
C TYR B 15 0.95 9.44 21.01
N TYR B 16 2.00 9.69 20.22
CA TYR B 16 3.30 10.01 20.78
C TYR B 16 3.70 11.41 20.33
N PHE B 17 3.77 12.35 21.27
CA PHE B 17 4.26 13.69 20.93
C PHE B 17 5.76 13.73 21.21
N SER B 18 6.55 13.87 20.15
CA SER B 18 8.00 13.74 20.27
C SER B 18 8.62 14.86 21.10
N LEU B 19 9.78 14.57 21.65
CA LEU B 19 10.52 15.56 22.43
C LEU B 19 11.72 16.06 21.64
N ILE B 20 12.00 15.39 20.53
CA ILE B 20 13.12 15.74 19.66
C ILE B 20 12.58 16.07 18.27
N PRO B 21 13.12 17.10 17.60
CA PRO B 21 12.62 17.44 16.27
C PRO B 21 13.33 16.66 15.17
N LYS B 22 12.61 16.42 14.07
CA LYS B 22 13.15 15.71 12.93
C LYS B 22 12.50 16.23 11.65
N THR B 23 13.07 15.87 10.51
CA THR B 23 12.46 16.18 9.23
C THR B 23 11.23 15.29 9.12
N TRP B 24 10.37 15.57 8.16
CA TRP B 24 9.10 14.86 8.07
C TRP B 24 9.38 13.37 7.90
N TYR B 25 10.26 13.05 6.97
CA TYR B 25 10.53 11.63 6.68
C TYR B 25 11.28 10.92 7.81
N SER B 26 12.27 11.58 8.40
CA SER B 26 12.95 10.98 9.52
C SER B 26 11.98 10.79 10.69
N ALA B 27 11.00 11.68 10.80
CA ALA B 27 9.96 11.53 11.82
C ALA B 27 9.10 10.29 11.54
N GLU B 28 8.59 10.21 10.31
CA GLU B 28 7.83 9.04 9.88
C GLU B 28 8.60 7.73 10.12
N GLN B 29 9.90 7.72 9.81
CA GLN B 29 10.71 6.54 10.09
C GLN B 29 10.77 6.15 11.56
N PHE B 30 10.89 7.16 12.41
CA PHE B 30 10.84 6.97 13.84
C PHE B 30 9.50 6.33 14.22
N CYS B 31 8.41 6.88 13.71
CA CYS B 31 7.09 6.33 14.04
C CYS B 31 7.01 4.89 13.59
N VAL B 32 7.46 4.61 12.37
CA VAL B 32 7.40 3.22 11.89
C VAL B 32 8.18 2.28 12.80
N SER B 33 9.32 2.73 13.32
CA SER B 33 10.14 1.88 14.20
C SER B 33 9.41 1.60 15.51
N ARG B 34 8.35 2.35 15.78
CA ARG B 34 7.53 2.17 16.98
C ARG B 34 6.14 1.66 16.61
N ASN B 35 6.05 0.91 15.51
CA ASN B 35 4.77 0.36 15.07
CA ASN B 35 4.78 0.36 15.07
C ASN B 35 3.68 1.42 14.94
N SER B 36 4.02 2.55 14.35
CA SER B 36 3.05 3.61 14.16
C SER B 36 3.37 4.42 12.90
N HIS B 37 2.67 5.53 12.74
CA HIS B 37 2.85 6.44 11.61
C HIS B 37 2.64 7.87 12.10
N LEU B 38 3.21 8.85 11.41
CA LEU B 38 2.80 10.22 11.66
C LEU B 38 1.27 10.29 11.61
N THR B 39 0.68 11.07 12.51
CA THR B 39 -0.77 10.98 12.69
C THR B 39 -1.64 11.50 11.54
N SER B 40 -2.72 10.77 11.27
CA SER B 40 -3.82 11.27 10.45
C SER B 40 -4.79 12.04 11.34
N VAL B 41 -5.68 12.83 10.75
CA VAL B 41 -6.72 13.52 11.49
C VAL B 41 -8.04 13.36 10.77
N THR B 42 -9.00 12.68 11.38
CA THR B 42 -10.21 12.34 10.65
C THR B 42 -11.50 12.87 11.28
N SER B 43 -11.38 13.72 12.30
CA SER B 43 -12.55 14.32 12.92
C SER B 43 -12.19 15.60 13.65
N GLU B 44 -13.19 16.42 13.90
CA GLU B 44 -13.00 17.63 14.67
C GLU B 44 -12.49 17.29 16.07
N SER B 45 -13.03 16.24 16.68
CA SER B 45 -12.58 15.91 18.04
C SER B 45 -11.12 15.50 18.07
N GLU B 46 -10.66 14.82 17.03
CA GLU B 46 -9.25 14.44 16.97
C GLU B 46 -8.39 15.68 16.73
N GLN B 47 -8.84 16.53 15.82
CA GLN B 47 -8.13 17.77 15.57
C GLN B 47 -7.98 18.56 16.87
N GLU B 48 -9.07 18.61 17.65
CA GLU B 48 -9.07 19.37 18.92
C GLU B 48 -8.10 18.75 19.93
N PHE B 49 -8.19 17.43 20.10
CA PHE B 49 -7.25 16.72 20.96
C PHE B 49 -5.80 17.03 20.59
N LEU B 50 -5.50 17.02 19.29
CA LEU B 50 -4.12 17.21 18.87
C LEU B 50 -3.63 18.64 19.10
N TYR B 51 -4.40 19.63 18.67
CA TYR B 51 -3.91 21.01 18.78
C TYR B 51 -3.80 21.46 20.24
N LYS B 52 -4.75 21.04 21.07
CA LYS B 52 -4.71 21.37 22.48
C LYS B 52 -3.50 20.72 23.12
N THR B 53 -3.27 19.46 22.80
CA THR B 53 -2.14 18.75 23.39
C THR B 53 -0.82 19.35 22.88
N ALA B 54 -0.81 19.82 21.64
CA ALA B 54 0.41 20.43 21.09
C ALA B 54 0.81 21.71 21.85
N GLY B 55 -0.18 22.37 22.42
CA GLY B 55 0.06 23.52 23.28
C GLY B 55 0.86 24.64 22.64
N GLY B 56 0.62 24.93 21.38
CA GLY B 56 1.22 26.09 20.73
C GLY B 56 2.55 25.84 20.06
N LEU B 57 3.02 24.61 20.13
CA LEU B 57 4.22 24.22 19.40
C LEU B 57 3.83 23.53 18.09
N ILE B 58 4.71 23.62 17.11
CA ILE B 58 4.45 23.07 15.78
C ILE B 58 4.92 21.60 15.69
N TYR B 59 4.01 20.72 15.28
CA TYR B 59 4.35 19.31 15.12
C TYR B 59 4.08 18.84 13.69
N TRP B 60 5.02 18.08 13.14
CA TRP B 60 4.73 17.34 11.92
C TRP B 60 3.56 16.38 12.17
N ILE B 61 2.67 16.30 11.20
CA ILE B 61 1.66 15.23 11.17
C ILE B 61 1.78 14.49 9.83
N GLY B 62 0.94 13.49 9.61
CA GLY B 62 1.14 12.59 8.48
C GLY B 62 0.66 13.12 7.13
N LEU B 63 0.48 14.43 7.03
CA LEU B 63 0.07 15.08 5.79
C LEU B 63 1.22 15.13 4.80
N THR B 64 1.02 14.61 3.60
CA THR B 64 2.06 14.77 2.59
C THR B 64 1.44 14.69 1.20
N LYS B 65 2.06 15.33 0.21
CA LYS B 65 1.58 15.23 -1.16
C LYS B 65 1.87 13.86 -1.77
N ALA B 66 0.93 13.36 -2.56
CA ALA B 66 1.13 12.09 -3.24
C ALA B 66 0.45 12.10 -4.60
N GLY B 67 0.89 11.24 -5.49
CA GLY B 67 0.30 11.16 -6.83
C GLY B 67 0.84 12.22 -7.77
N MET B 68 0.56 12.07 -9.06
CA MET B 68 1.04 13.01 -10.07
C MET B 68 0.53 14.44 -9.87
N GLU B 69 -0.70 14.56 -9.38
CA GLU B 69 -1.33 15.87 -9.21
C GLU B 69 -0.94 16.55 -7.89
N GLY B 70 -0.34 15.78 -6.99
CA GLY B 70 0.16 16.30 -5.74
C GLY B 70 -0.95 16.59 -4.75
N ASP B 71 -2.00 15.79 -4.79
CA ASP B 71 -3.09 15.96 -3.84
C ASP B 71 -2.61 15.52 -2.46
N TRP B 72 -3.18 16.12 -1.42
CA TRP B 72 -2.74 15.77 -0.08
C TRP B 72 -3.20 14.37 0.28
N SER B 73 -2.40 13.70 1.11
CA SER B 73 -2.68 12.33 1.50
C SER B 73 -2.21 12.10 2.92
N TRP B 74 -2.58 10.96 3.48
CA TRP B 74 -2.13 10.56 4.82
C TRP B 74 -1.13 9.43 4.70
N VAL B 75 -0.01 9.55 5.38
CA VAL B 75 1.01 8.53 5.27
C VAL B 75 0.59 7.21 5.90
N ASP B 76 -0.38 7.23 6.82
CA ASP B 76 -0.86 5.97 7.39
C ASP B 76 -1.87 5.26 6.49
N ASP B 77 -2.08 5.83 5.31
CA ASP B 77 -2.97 5.29 4.27
C ASP B 77 -4.47 5.45 4.50
N THR B 78 -4.86 6.17 5.55
CA THR B 78 -6.23 6.64 5.65
C THR B 78 -6.53 7.45 4.40
N PRO B 79 -7.59 7.10 3.67
CA PRO B 79 -7.96 7.91 2.49
C PRO B 79 -8.16 9.38 2.90
N PHE B 80 -7.62 10.31 2.12
CA PHE B 80 -7.73 11.71 2.50
C PHE B 80 -9.07 12.29 2.02
N ASN B 81 -9.85 12.83 2.95
CA ASN B 81 -11.15 13.40 2.60
C ASN B 81 -10.99 14.90 2.45
N LYS B 82 -10.85 15.36 1.21
CA LYS B 82 -10.59 16.76 0.96
C LYS B 82 -11.71 17.65 1.43
N VAL B 83 -12.95 17.24 1.17
CA VAL B 83 -14.11 18.04 1.55
C VAL B 83 -14.14 18.29 3.04
N GLN B 84 -14.00 17.21 3.80
CA GLN B 84 -14.19 17.26 5.23
C GLN B 84 -12.94 17.78 5.94
N SER B 85 -11.85 17.87 5.19
CA SER B 85 -10.57 18.34 5.73
C SER B 85 -10.35 19.84 5.53
N ALA B 86 -11.13 20.44 4.65
CA ALA B 86 -10.91 21.83 4.27
C ALA B 86 -10.89 22.73 5.51
N ARG B 87 -11.78 22.43 6.45
CA ARG B 87 -11.92 23.20 7.68
C ARG B 87 -10.67 23.17 8.58
N PHE B 88 -9.75 22.24 8.35
CA PHE B 88 -8.63 22.06 9.29
C PHE B 88 -7.37 22.83 8.92
N TRP B 89 -7.35 23.40 7.71
CA TRP B 89 -6.23 24.21 7.29
C TRP B 89 -6.32 25.62 7.86
N ILE B 90 -5.17 26.18 8.19
CA ILE B 90 -5.10 27.60 8.52
C ILE B 90 -5.60 28.40 7.31
N PRO B 91 -6.49 29.37 7.56
CA PRO B 91 -6.94 30.17 6.42
C PRO B 91 -5.76 30.70 5.61
N GLY B 92 -5.73 30.38 4.32
CA GLY B 92 -4.64 30.79 3.45
C GLY B 92 -3.73 29.64 3.06
N GLU B 93 -3.85 28.53 3.77
CA GLU B 93 -3.03 27.35 3.54
C GLU B 93 -3.92 26.26 2.96
N PRO B 94 -3.35 25.32 2.19
CA PRO B 94 -1.93 25.28 1.84
C PRO B 94 -1.58 26.32 0.78
N ASN B 95 -0.44 26.97 0.93
CA ASN B 95 -0.08 28.05 0.02
C ASN B 95 1.17 27.71 -0.79
N ASN B 96 1.71 26.52 -0.57
CA ASN B 96 2.88 26.02 -1.28
C ASN B 96 3.98 27.07 -1.49
N ALA B 97 4.24 27.84 -0.45
CA ALA B 97 5.31 28.85 -0.49
C ALA B 97 6.56 28.33 -1.19
N GLY B 98 7.01 29.02 -2.22
CA GLY B 98 8.26 28.68 -2.88
C GLY B 98 8.19 27.40 -3.70
N ASN B 99 6.97 26.89 -3.87
CA ASN B 99 6.78 25.63 -4.61
C ASN B 99 7.56 24.51 -3.94
N ASN B 100 7.68 24.56 -2.61
CA ASN B 100 8.47 23.56 -1.92
C ASN B 100 7.89 23.14 -0.57
N GLU B 101 6.58 23.25 -0.42
CA GLU B 101 5.94 22.86 0.83
C GLU B 101 5.04 21.66 0.56
N HIS B 102 5.61 20.47 0.69
CA HIS B 102 4.94 19.25 0.28
C HIS B 102 4.59 18.32 1.45
N CYS B 103 4.76 18.82 2.67
CA CYS B 103 4.37 18.08 3.88
C CYS B 103 3.58 19.02 4.79
N GLY B 104 2.85 18.46 5.74
CA GLY B 104 1.98 19.27 6.56
C GLY B 104 2.24 19.14 8.04
N ASN B 105 2.05 20.24 8.77
CA ASN B 105 2.21 20.23 10.21
C ASN B 105 1.00 20.86 10.91
N ILE B 106 0.88 20.60 12.21
CA ILE B 106 -0.10 21.29 13.01
C ILE B 106 0.64 22.48 13.59
N LYS B 107 0.06 23.65 13.41
CA LYS B 107 0.75 24.90 13.67
C LYS B 107 -0.04 25.84 14.60
N ALA B 108 -1.27 26.19 14.22
CA ALA B 108 -2.07 27.10 15.03
C ALA B 108 -2.91 26.37 16.06
N PRO B 109 -2.96 26.89 17.29
CA PRO B 109 -3.86 26.32 18.30
C PRO B 109 -5.32 26.69 18.03
N SER B 110 -5.90 26.02 17.04
CA SER B 110 -7.22 26.32 16.54
C SER B 110 -7.66 25.11 15.72
N LEU B 111 -8.96 24.93 15.52
CA LEU B 111 -9.42 23.91 14.59
C LEU B 111 -8.82 24.16 13.21
N GLN B 112 -8.65 25.42 12.86
CA GLN B 112 -7.90 25.78 11.66
CA GLN B 112 -7.89 25.80 11.67
C GLN B 112 -6.42 25.84 12.03
N ALA B 113 -5.75 24.69 11.92
CA ALA B 113 -4.40 24.53 12.48
C ALA B 113 -3.31 24.09 11.50
N TRP B 114 -3.69 23.46 10.40
CA TRP B 114 -2.66 22.92 9.51
C TRP B 114 -1.98 23.93 8.62
N ASN B 115 -0.71 23.66 8.35
CA ASN B 115 0.06 24.43 7.40
C ASN B 115 0.91 23.49 6.58
N ASP B 116 1.11 23.83 5.31
CA ASP B 116 2.08 23.11 4.51
C ASP B 116 3.45 23.77 4.66
N ALA B 117 4.47 22.92 4.79
CA ALA B 117 5.84 23.36 5.03
C ALA B 117 6.82 22.45 4.34
N PRO B 118 8.07 22.90 4.18
CA PRO B 118 9.09 22.11 3.48
C PRO B 118 9.41 20.81 4.24
N CYS B 119 9.36 19.69 3.54
CA CYS B 119 9.54 18.38 4.15
C CYS B 119 10.85 18.26 4.92
N ASP B 120 11.84 19.04 4.50
CA ASP B 120 13.18 18.95 5.09
C ASP B 120 13.38 19.88 6.30
N LYS B 121 12.36 20.62 6.69
CA LYS B 121 12.43 21.44 7.90
C LYS B 121 12.25 20.51 9.10
N THR B 122 12.85 20.83 10.23
CA THR B 122 12.72 19.96 11.39
C THR B 122 11.73 20.52 12.40
N PHE B 123 10.83 19.65 12.86
CA PHE B 123 9.86 19.98 13.89
C PHE B 123 9.71 18.80 14.82
N LEU B 124 9.20 19.04 16.01
CA LEU B 124 8.63 17.95 16.79
C LEU B 124 7.57 17.28 15.91
N PHE B 125 7.12 16.09 16.30
CA PHE B 125 6.21 15.32 15.46
C PHE B 125 5.28 14.44 16.31
N ILE B 126 4.15 14.04 15.74
CA ILE B 126 3.17 13.21 16.46
C ILE B 126 2.96 11.87 15.75
N CYS B 127 3.28 10.77 16.44
CA CYS B 127 2.95 9.43 15.96
C CYS B 127 1.56 8.98 16.44
N LYS B 128 0.95 8.09 15.68
CA LYS B 128 -0.37 7.55 16.02
C LYS B 128 -0.38 6.06 15.76
N ARG B 129 -0.92 5.29 16.71
CA ARG B 129 -1.16 3.88 16.46
C ARG B 129 -2.43 3.40 17.12
N PRO B 130 -3.22 2.61 16.39
CA PRO B 130 -4.47 2.05 16.91
C PRO B 130 -4.19 1.11 18.06
N TYR B 131 -5.08 1.09 19.03
CA TYR B 131 -5.03 0.06 20.04
C TYR B 131 -5.50 -1.22 19.38
N VAL B 132 -4.70 -2.27 19.55
CA VAL B 132 -5.00 -3.59 19.00
C VAL B 132 -4.86 -4.61 20.14
N PRO B 133 -6.00 -5.11 20.65
CA PRO B 133 -6.08 -6.07 21.75
C PRO B 133 -5.08 -7.24 21.63
N GLN C 5 -24.53 6.60 -13.00
CA GLN C 5 -25.65 6.80 -12.09
C GLN C 5 -25.60 5.75 -11.00
N GLY C 6 -26.34 5.99 -9.92
CA GLY C 6 -26.32 5.08 -8.80
C GLY C 6 -25.33 5.48 -7.71
N TRP C 7 -24.60 6.58 -7.94
CA TRP C 7 -23.65 7.06 -6.93
C TRP C 7 -24.30 8.10 -6.04
N LYS C 8 -24.37 7.81 -4.74
CA LYS C 8 -25.01 8.73 -3.81
C LYS C 8 -23.96 9.48 -2.99
N TYR C 9 -24.11 10.81 -2.88
CA TYR C 9 -23.15 11.63 -2.16
C TYR C 9 -23.44 11.72 -0.67
N PHE C 10 -22.38 11.60 0.13
CA PHE C 10 -22.49 11.74 1.57
C PHE C 10 -21.13 12.15 2.14
N LYS C 11 -21.05 13.38 2.65
CA LYS C 11 -19.86 13.85 3.37
C LYS C 11 -18.51 13.59 2.69
N GLY C 12 -18.36 14.08 1.48
CA GLY C 12 -17.08 14.04 0.81
C GLY C 12 -16.79 12.76 0.04
N ASN C 13 -17.72 11.81 0.11
CA ASN C 13 -17.59 10.57 -0.66
C ASN C 13 -18.87 10.23 -1.42
N PHE C 14 -18.71 9.52 -2.54
CA PHE C 14 -19.83 8.95 -3.26
C PHE C 14 -19.90 7.46 -2.96
N TYR C 15 -21.12 6.94 -2.83
CA TYR C 15 -21.36 5.55 -2.49
C TYR C 15 -22.24 4.88 -3.53
N TYR C 16 -21.89 3.64 -3.88
CA TYR C 16 -22.61 2.88 -4.91
C TYR C 16 -23.13 1.59 -4.29
N PHE C 17 -24.45 1.45 -4.23
CA PHE C 17 -25.10 0.24 -3.73
C PHE C 17 -25.46 -0.61 -4.94
N SER C 18 -24.86 -1.77 -5.06
CA SER C 18 -24.94 -2.52 -6.32
C SER C 18 -26.32 -3.14 -6.57
N LEU C 19 -26.57 -3.47 -7.83
CA LEU C 19 -27.79 -4.17 -8.23
C LEU C 19 -27.55 -5.66 -8.41
N ILE C 20 -26.28 -6.03 -8.59
CA ILE C 20 -25.87 -7.40 -8.85
C ILE C 20 -24.99 -7.93 -7.71
N PRO C 21 -25.21 -9.18 -7.29
CA PRO C 21 -24.42 -9.75 -6.20
C PRO C 21 -23.13 -10.37 -6.70
N LYS C 22 -22.10 -10.30 -5.87
CA LYS C 22 -20.80 -10.86 -6.19
C LYS C 22 -20.18 -11.37 -4.92
N THR C 23 -19.14 -12.20 -5.06
CA THR C 23 -18.32 -12.58 -3.91
C THR C 23 -17.64 -11.31 -3.42
N TRP C 24 -17.08 -11.37 -2.22
CA TRP C 24 -16.43 -10.20 -1.65
C TRP C 24 -15.35 -9.66 -2.56
N TYR C 25 -14.47 -10.53 -3.04
CA TYR C 25 -13.36 -10.06 -3.85
C TYR C 25 -13.79 -9.61 -5.26
N SER C 26 -14.74 -10.32 -5.87
CA SER C 26 -15.24 -9.86 -7.17
C SER C 26 -15.93 -8.51 -7.03
N ALA C 27 -16.56 -8.30 -5.88
CA ALA C 27 -17.16 -6.99 -5.56
C ALA C 27 -16.08 -5.94 -5.47
N GLU C 28 -15.02 -6.24 -4.72
CA GLU C 28 -13.90 -5.31 -4.61
C GLU C 28 -13.32 -5.00 -5.98
N GLN C 29 -13.16 -6.01 -6.83
CA GLN C 29 -12.64 -5.79 -8.18
C GLN C 29 -13.51 -4.85 -9.00
N PHE C 30 -14.81 -5.01 -8.85
CA PHE C 30 -15.74 -4.14 -9.53
C PHE C 30 -15.59 -2.68 -9.02
N CYS C 31 -15.51 -2.51 -7.70
CA CYS C 31 -15.30 -1.19 -7.15
C CYS C 31 -14.02 -0.58 -7.69
N VAL C 32 -12.94 -1.35 -7.70
CA VAL C 32 -11.66 -0.84 -8.19
C VAL C 32 -11.75 -0.40 -9.67
N SER C 33 -12.43 -1.20 -10.49
CA SER C 33 -12.65 -0.85 -11.89
C SER C 33 -13.43 0.45 -12.04
N ARG C 34 -14.14 0.84 -10.99
CA ARG C 34 -14.90 2.08 -10.99
CA ARG C 34 -14.91 2.08 -10.98
C ARG C 34 -14.22 3.12 -10.10
N ASN C 35 -12.91 3.02 -9.98
CA ASN C 35 -12.12 3.99 -9.24
C ASN C 35 -12.57 4.13 -7.79
N SER C 36 -12.88 3.01 -7.15
CA SER C 36 -13.36 3.04 -5.78
C SER C 36 -12.94 1.78 -5.05
N HIS C 37 -13.45 1.62 -3.83
CA HIS C 37 -13.21 0.42 -3.04
C HIS C 37 -14.50 0.05 -2.30
N LEU C 38 -14.62 -1.20 -1.91
CA LEU C 38 -15.67 -1.57 -0.96
C LEU C 38 -15.57 -0.63 0.25
N THR C 39 -16.72 -0.14 0.70
CA THR C 39 -16.73 0.94 1.70
C THR C 39 -16.14 0.59 3.07
N SER C 40 -15.37 1.53 3.60
CA SER C 40 -15.03 1.49 5.01
C SER C 40 -16.11 2.27 5.78
N VAL C 41 -16.13 2.11 7.08
CA VAL C 41 -17.11 2.80 7.91
C VAL C 41 -16.37 3.31 9.12
N THR C 42 -16.32 4.63 9.28
CA THR C 42 -15.45 5.22 10.28
C THR C 42 -16.15 6.24 11.17
N SER C 43 -17.47 6.27 11.12
CA SER C 43 -18.24 7.14 12.03
C SER C 43 -19.68 6.64 12.16
N GLU C 44 -20.35 7.03 13.23
CA GLU C 44 -21.75 6.65 13.42
C GLU C 44 -22.61 7.19 12.29
N SER C 45 -22.34 8.43 11.87
CA SER C 45 -23.17 9.03 10.84
C SER C 45 -23.02 8.30 9.51
N GLU C 46 -21.81 7.79 9.23
CA GLU C 46 -21.61 7.00 8.02
C GLU C 46 -22.33 5.66 8.13
N GLN C 47 -22.22 5.00 9.28
CA GLN C 47 -22.89 3.72 9.51
C GLN C 47 -24.39 3.89 9.33
N GLU C 48 -24.92 4.98 9.87
CA GLU C 48 -26.33 5.32 9.77
C GLU C 48 -26.76 5.52 8.32
N PHE C 49 -25.96 6.29 7.57
CA PHE C 49 -26.22 6.48 6.15
C PHE C 49 -26.29 5.14 5.43
N LEU C 50 -25.32 4.27 5.69
CA LEU C 50 -25.26 3.00 4.99
C LEU C 50 -26.43 2.07 5.31
N TYR C 51 -26.75 1.89 6.58
CA TYR C 51 -27.79 0.92 6.89
C TYR C 51 -29.17 1.41 6.49
N LYS C 52 -29.40 2.71 6.61
CA LYS C 52 -30.68 3.26 6.17
C LYS C 52 -30.87 3.10 4.66
N THR C 53 -29.81 3.36 3.91
CA THR C 53 -29.90 3.28 2.47
C THR C 53 -30.01 1.83 2.04
N ALA C 54 -29.34 0.95 2.79
CA ALA C 54 -29.35 -0.48 2.50
C ALA C 54 -30.76 -1.02 2.60
N GLY C 55 -31.52 -0.49 3.55
CA GLY C 55 -32.91 -0.82 3.73
C GLY C 55 -33.24 -2.32 3.70
N GLY C 56 -32.57 -3.09 4.56
CA GLY C 56 -32.91 -4.49 4.71
C GLY C 56 -32.27 -5.48 3.75
N LEU C 57 -31.56 -4.97 2.74
CA LEU C 57 -30.77 -5.83 1.88
C LEU C 57 -29.39 -5.98 2.50
N ILE C 58 -28.73 -7.11 2.24
CA ILE C 58 -27.41 -7.36 2.79
C ILE C 58 -26.36 -6.95 1.76
N TYR C 59 -25.39 -6.13 2.18
CA TYR C 59 -24.34 -5.69 1.28
C TYR C 59 -22.96 -6.00 1.85
N TRP C 60 -22.08 -6.54 1.02
CA TRP C 60 -20.67 -6.60 1.37
C TRP C 60 -20.16 -5.19 1.64
N ILE C 61 -19.34 -5.02 2.67
CA ILE C 61 -18.56 -3.80 2.83
C ILE C 61 -17.07 -4.17 2.81
N GLY C 62 -16.20 -3.20 3.04
CA GLY C 62 -14.78 -3.46 2.80
C GLY C 62 -14.06 -4.12 3.97
N LEU C 63 -14.81 -4.76 4.86
CA LEU C 63 -14.27 -5.45 6.03
C LEU C 63 -13.72 -6.83 5.66
N THR C 64 -12.46 -7.10 5.99
CA THR C 64 -11.90 -8.42 5.72
C THR C 64 -10.77 -8.69 6.66
N LYS C 65 -10.56 -9.97 6.99
CA LYS C 65 -9.43 -10.33 7.84
C LYS C 65 -8.12 -10.23 7.08
N ALA C 66 -7.07 -9.81 7.77
CA ALA C 66 -5.73 -9.75 7.19
C ALA C 66 -4.68 -9.95 8.29
N GLY C 67 -3.65 -10.73 8.00
CA GLY C 67 -2.59 -10.97 8.96
C GLY C 67 -2.73 -12.29 9.70
N MET C 68 -1.71 -12.61 10.49
CA MET C 68 -1.63 -13.91 11.14
C MET C 68 -2.57 -14.03 12.34
N GLU C 69 -2.96 -12.88 12.88
CA GLU C 69 -3.89 -12.86 14.01
C GLU C 69 -5.33 -12.85 13.47
N GLY C 70 -5.45 -12.66 12.16
CA GLY C 70 -6.74 -12.62 11.50
C GLY C 70 -7.52 -11.40 11.97
N ASP C 71 -6.80 -10.30 12.19
CA ASP C 71 -7.44 -9.06 12.64
C ASP C 71 -8.24 -8.46 11.48
N TRP C 72 -9.33 -7.79 11.81
CA TRP C 72 -10.14 -7.14 10.79
C TRP C 72 -9.39 -5.95 10.22
N SER C 73 -9.66 -5.66 8.96
CA SER C 73 -9.00 -4.58 8.26
C SER C 73 -10.00 -4.00 7.26
N TRP C 74 -9.66 -2.83 6.73
CA TRP C 74 -10.46 -2.22 5.66
C TRP C 74 -9.71 -2.35 4.34
N VAL C 75 -10.38 -2.79 3.29
CA VAL C 75 -9.68 -3.01 2.02
C VAL C 75 -9.16 -1.70 1.43
N ASP C 76 -9.80 -0.57 1.77
CA ASP C 76 -9.34 0.73 1.27
C ASP C 76 -8.14 1.29 2.07
N ASP C 77 -7.61 0.48 2.97
CA ASP C 77 -6.41 0.79 3.77
C ASP C 77 -6.60 1.74 4.96
N THR C 78 -7.82 2.20 5.21
CA THR C 78 -8.10 2.89 6.46
C THR C 78 -7.67 1.99 7.63
N PRO C 79 -6.83 2.50 8.54
CA PRO C 79 -6.50 1.67 9.71
C PRO C 79 -7.77 1.26 10.49
N PHE C 80 -7.87 -0.03 10.81
CA PHE C 80 -9.03 -0.52 11.55
C PHE C 80 -8.95 -0.12 13.03
N ASN C 81 -10.01 0.53 13.51
CA ASN C 81 -10.06 0.98 14.90
C ASN C 81 -11.02 0.07 15.66
N LYS C 82 -10.48 -0.96 16.31
CA LYS C 82 -11.34 -1.98 16.94
C LYS C 82 -12.24 -1.38 18.01
N VAL C 83 -11.65 -0.51 18.84
CA VAL C 83 -12.40 0.16 19.89
C VAL C 83 -13.62 0.87 19.34
N GLN C 84 -13.41 1.72 18.34
CA GLN C 84 -14.47 2.54 17.80
C GLN C 84 -15.46 1.77 16.94
N SER C 85 -15.05 0.59 16.47
CA SER C 85 -15.89 -0.20 15.57
C SER C 85 -16.78 -1.19 16.32
N ALA C 86 -16.49 -1.39 17.60
CA ALA C 86 -17.16 -2.43 18.37
C ALA C 86 -18.66 -2.29 18.34
N ARG C 87 -19.13 -1.05 18.36
CA ARG C 87 -20.56 -0.74 18.44
C ARG C 87 -21.31 -1.08 17.15
N PHE C 88 -20.59 -1.44 16.10
CA PHE C 88 -21.22 -1.58 14.79
C PHE C 88 -21.59 -3.01 14.41
N TRP C 89 -21.12 -3.98 15.20
CA TRP C 89 -21.38 -5.38 14.92
C TRP C 89 -22.76 -5.78 15.44
N ILE C 90 -23.45 -6.64 14.70
CA ILE C 90 -24.65 -7.30 15.24
C ILE C 90 -24.28 -8.07 16.52
N PRO C 91 -25.16 -8.03 17.55
CA PRO C 91 -24.88 -8.78 18.79
C PRO C 91 -24.52 -10.23 18.46
N GLY C 92 -23.43 -10.71 19.03
CA GLY C 92 -22.99 -12.07 18.78
C GLY C 92 -21.98 -12.20 17.64
N GLU C 93 -21.85 -11.15 16.84
CA GLU C 93 -20.87 -11.14 15.73
C GLU C 93 -19.65 -10.29 16.13
N PRO C 94 -18.48 -10.58 15.54
CA PRO C 94 -18.23 -11.67 14.60
C PRO C 94 -18.09 -12.99 15.32
N ASN C 95 -18.61 -14.06 14.72
CA ASN C 95 -18.63 -15.35 15.37
C ASN C 95 -17.88 -16.43 14.60
N ASN C 96 -17.30 -16.06 13.46
CA ASN C 96 -16.48 -16.97 12.67
C ASN C 96 -17.12 -18.35 12.45
N ALA C 97 -18.38 -18.36 11.99
CA ALA C 97 -19.08 -19.62 11.79
C ALA C 97 -18.27 -20.58 10.92
N GLY C 98 -18.09 -21.80 11.43
CA GLY C 98 -17.35 -22.85 10.71
C GLY C 98 -15.91 -22.50 10.41
N ASN C 99 -15.33 -21.65 11.25
CA ASN C 99 -13.98 -21.13 11.04
C ASN C 99 -13.76 -20.60 9.61
N ASN C 100 -14.82 -20.06 9.00
CA ASN C 100 -14.74 -19.67 7.59
C ASN C 100 -15.40 -18.33 7.23
N GLU C 101 -15.59 -17.46 8.23
CA GLU C 101 -16.23 -16.17 7.97
C GLU C 101 -15.22 -15.04 8.07
N HIS C 102 -14.59 -14.70 6.95
CA HIS C 102 -13.42 -13.83 7.00
C HIS C 102 -13.63 -12.51 6.27
N CYS C 103 -14.86 -12.21 5.87
CA CYS C 103 -15.19 -10.92 5.28
C CYS C 103 -16.43 -10.41 6.01
N GLY C 104 -16.73 -9.12 5.88
CA GLY C 104 -17.85 -8.54 6.59
C GLY C 104 -18.91 -7.91 5.70
N ASN C 105 -20.17 -8.08 6.07
CA ASN C 105 -21.26 -7.42 5.36
C ASN C 105 -22.09 -6.56 6.32
N ILE C 106 -22.89 -5.65 5.77
CA ILE C 106 -23.90 -4.95 6.55
C ILE C 106 -25.20 -5.72 6.36
N LYS C 107 -25.82 -6.12 7.46
CA LYS C 107 -26.90 -7.10 7.41
C LYS C 107 -28.19 -6.63 8.10
N ALA C 108 -28.06 -5.93 9.22
CA ALA C 108 -29.23 -5.56 10.02
C ALA C 108 -29.64 -4.10 9.81
N PRO C 109 -30.95 -3.81 9.97
CA PRO C 109 -31.46 -2.44 9.87
C PRO C 109 -31.24 -1.65 11.18
N SER C 110 -29.99 -1.50 11.56
CA SER C 110 -29.64 -0.90 12.84
C SER C 110 -28.20 -0.42 12.80
N LEU C 111 -27.84 0.40 13.79
CA LEU C 111 -26.44 0.80 13.93
C LEU C 111 -25.57 -0.42 14.19
N GLN C 112 -26.10 -1.40 14.93
CA GLN C 112 -25.44 -2.70 15.03
C GLN C 112 -25.82 -3.55 13.81
N ALA C 113 -25.03 -3.43 12.74
CA ALA C 113 -25.41 -4.00 11.45
C ALA C 113 -24.44 -5.02 10.86
N TRP C 114 -23.19 -5.03 11.32
CA TRP C 114 -22.17 -5.88 10.67
C TRP C 114 -22.23 -7.35 11.06
N ASN C 115 -21.94 -8.20 10.08
CA ASN C 115 -21.79 -9.61 10.31
C ASN C 115 -20.56 -10.12 9.55
N ASP C 116 -19.86 -11.11 10.12
CA ASP C 116 -18.83 -11.81 9.36
C ASP C 116 -19.45 -12.98 8.60
N ALA C 117 -19.02 -13.17 7.35
CA ALA C 117 -19.59 -14.20 6.47
C ALA C 117 -18.49 -14.72 5.56
N PRO C 118 -18.70 -15.88 4.94
CA PRO C 118 -17.67 -16.41 4.04
C PRO C 118 -17.41 -15.50 2.82
N CYS C 119 -16.13 -15.23 2.54
CA CYS C 119 -15.78 -14.33 1.46
C CYS C 119 -16.31 -14.79 0.10
N ASP C 120 -16.48 -16.09 -0.06
CA ASP C 120 -16.87 -16.67 -1.35
C ASP C 120 -18.38 -16.74 -1.53
N LYS C 121 -19.12 -16.17 -0.59
CA LYS C 121 -20.58 -16.07 -0.70
C LYS C 121 -20.92 -14.80 -1.51
N THR C 122 -22.06 -14.80 -2.21
CA THR C 122 -22.38 -13.66 -3.07
C THR C 122 -23.45 -12.78 -2.42
N PHE C 123 -23.19 -11.48 -2.41
CA PHE C 123 -24.15 -10.49 -1.94
C PHE C 123 -24.03 -9.25 -2.79
N LEU C 124 -25.06 -8.40 -2.73
CA LEU C 124 -24.93 -7.04 -3.19
C LEU C 124 -23.74 -6.41 -2.46
N PHE C 125 -23.26 -5.28 -2.93
CA PHE C 125 -22.08 -4.66 -2.31
C PHE C 125 -22.10 -3.14 -2.43
N ILE C 126 -21.30 -2.47 -1.60
CA ILE C 126 -21.27 -1.01 -1.58
C ILE C 126 -19.85 -0.48 -1.81
N CYS C 127 -19.69 0.28 -2.89
CA CYS C 127 -18.43 0.95 -3.18
C CYS C 127 -18.41 2.36 -2.61
N LYS C 128 -17.22 2.85 -2.29
CA LYS C 128 -17.04 4.21 -1.77
C LYS C 128 -15.96 4.87 -2.62
N ARG C 129 -16.28 6.05 -3.14
CA ARG C 129 -15.38 6.79 -4.02
CA ARG C 129 -15.38 6.79 -4.01
C ARG C 129 -15.20 8.20 -3.46
N PRO C 130 -13.95 8.61 -3.20
CA PRO C 130 -13.80 9.96 -2.65
C PRO C 130 -14.15 11.05 -3.66
N TYR C 131 -14.73 12.15 -3.20
CA TYR C 131 -14.92 13.30 -4.06
C TYR C 131 -13.69 14.18 -3.95
N VAL C 132 -13.12 14.56 -5.09
CA VAL C 132 -11.92 15.41 -5.08
C VAL C 132 -12.13 16.71 -5.88
N PRO C 133 -12.43 17.81 -5.17
CA PRO C 133 -12.77 19.08 -5.84
C PRO C 133 -11.58 19.65 -6.59
N GLN D 5 11.55 15.65 -19.51
CA GLN D 5 12.36 14.85 -20.44
C GLN D 5 13.68 14.42 -19.81
N GLY D 6 14.42 13.58 -20.55
CA GLY D 6 15.72 13.12 -20.10
C GLY D 6 15.68 11.70 -19.58
N TRP D 7 14.56 11.01 -19.83
CA TRP D 7 14.38 9.64 -19.36
C TRP D 7 15.10 8.63 -20.23
N LYS D 8 15.75 7.65 -19.60
CA LYS D 8 16.46 6.61 -20.35
C LYS D 8 15.71 5.30 -20.26
N TYR D 9 15.61 4.59 -21.39
CA TYR D 9 14.87 3.33 -21.43
C TYR D 9 15.76 2.12 -21.11
N PHE D 10 15.28 1.24 -20.24
CA PHE D 10 15.96 -0.03 -19.98
C PHE D 10 14.95 -1.08 -19.54
N LYS D 11 14.79 -2.14 -20.33
CA LYS D 11 13.92 -3.27 -19.98
C LYS D 11 12.54 -2.91 -19.43
N GLY D 12 11.79 -2.14 -20.22
CA GLY D 12 10.40 -1.86 -19.89
C GLY D 12 10.18 -0.82 -18.81
N ASN D 13 11.26 -0.12 -18.45
CA ASN D 13 11.16 1.01 -17.53
C ASN D 13 11.95 2.18 -18.09
N PHE D 14 11.60 3.37 -17.63
CA PHE D 14 12.33 4.58 -17.96
C PHE D 14 13.02 5.08 -16.70
N TYR D 15 14.22 5.64 -16.85
CA TYR D 15 14.96 6.11 -15.68
C TYR D 15 15.39 7.56 -15.85
N TYR D 16 15.27 8.32 -14.76
CA TYR D 16 15.65 9.72 -14.72
C TYR D 16 16.82 9.89 -13.76
N PHE D 17 17.96 10.31 -14.27
CA PHE D 17 19.11 10.57 -13.43
C PHE D 17 19.19 12.06 -13.19
N SER D 18 18.91 12.50 -11.98
CA SER D 18 18.77 13.93 -11.69
C SER D 18 20.07 14.71 -11.84
N LEU D 19 19.91 16.01 -12.08
CA LEU D 19 21.03 16.93 -12.12
C LEU D 19 21.05 17.82 -10.87
N ILE D 20 19.98 17.75 -10.08
CA ILE D 20 19.85 18.54 -8.85
C ILE D 20 19.78 17.61 -7.63
N PRO D 21 20.53 17.94 -6.57
CA PRO D 21 20.56 17.13 -5.34
C PRO D 21 19.38 17.40 -4.42
N LYS D 22 18.87 16.35 -3.78
CA LYS D 22 17.78 16.47 -2.82
C LYS D 22 17.98 15.48 -1.69
N THR D 23 17.23 15.66 -0.61
CA THR D 23 17.16 14.65 0.44
C THR D 23 16.44 13.44 -0.14
N TRP D 24 16.56 12.31 0.53
CA TRP D 24 15.93 11.08 0.06
C TRP D 24 14.41 11.27 -0.14
N TYR D 25 13.73 11.88 0.83
CA TYR D 25 12.28 12.02 0.71
C TYR D 25 11.84 13.06 -0.32
N SER D 26 12.51 14.22 -0.33
CA SER D 26 12.22 15.21 -1.36
C SER D 26 12.50 14.66 -2.77
N ALA D 27 13.52 13.81 -2.88
CA ALA D 27 13.79 13.10 -4.14
C ALA D 27 12.61 12.23 -4.50
N GLU D 28 12.16 11.41 -3.55
CA GLU D 28 11.01 10.55 -3.79
C GLU D 28 9.79 11.39 -4.21
N GLN D 29 9.53 12.50 -3.52
CA GLN D 29 8.43 13.38 -3.89
CA GLN D 29 8.41 13.36 -3.90
C GLN D 29 8.59 13.92 -5.31
N PHE D 30 9.81 14.30 -5.65
CA PHE D 30 10.10 14.74 -7.01
C PHE D 30 9.75 13.63 -8.00
N CYS D 31 10.14 12.39 -7.71
CA CYS D 31 9.80 11.27 -8.59
C CYS D 31 8.29 11.08 -8.70
N VAL D 32 7.61 11.13 -7.56
CA VAL D 32 6.17 10.98 -7.53
C VAL D 32 5.47 12.04 -8.39
N SER D 33 5.98 13.27 -8.32
CA SER D 33 5.45 14.37 -9.14
C SER D 33 5.58 14.08 -10.63
N ARG D 34 6.53 13.22 -10.99
CA ARG D 34 6.73 12.80 -12.37
C ARG D 34 6.26 11.35 -12.60
N ASN D 35 5.27 10.94 -11.81
CA ASN D 35 4.61 9.64 -11.96
C ASN D 35 5.60 8.48 -11.88
N SER D 36 6.54 8.59 -10.95
CA SER D 36 7.58 7.57 -10.80
C SER D 36 7.91 7.38 -9.32
N HIS D 37 8.91 6.55 -9.04
CA HIS D 37 9.46 6.37 -7.69
C HIS D 37 10.97 6.32 -7.79
N LEU D 38 11.64 6.63 -6.69
CA LEU D 38 13.08 6.31 -6.62
C LEU D 38 13.25 4.84 -6.99
N THR D 39 14.31 4.53 -7.73
CA THR D 39 14.38 3.23 -8.40
C THR D 39 14.59 2.07 -7.43
N SER D 40 13.93 0.97 -7.70
CA SER D 40 14.30 -0.30 -7.09
C SER D 40 15.37 -0.97 -7.97
N VAL D 41 15.98 -2.03 -7.47
CA VAL D 41 16.98 -2.75 -8.24
C VAL D 41 16.73 -4.21 -7.98
N THR D 42 16.31 -4.93 -9.01
CA THR D 42 15.86 -6.30 -8.83
C THR D 42 16.60 -7.33 -9.67
N SER D 43 17.62 -6.90 -10.40
CA SER D 43 18.46 -7.87 -11.12
C SER D 43 19.89 -7.36 -11.30
N GLU D 44 20.81 -8.27 -11.61
CA GLU D 44 22.17 -7.87 -11.86
C GLU D 44 22.25 -6.91 -13.05
N SER D 45 21.46 -7.18 -14.09
CA SER D 45 21.49 -6.33 -15.28
C SER D 45 20.97 -4.92 -14.99
N GLU D 46 20.00 -4.80 -14.09
CA GLU D 46 19.52 -3.47 -13.72
C GLU D 46 20.58 -2.73 -12.89
N GLN D 47 21.22 -3.46 -11.98
CA GLN D 47 22.31 -2.90 -11.17
C GLN D 47 23.41 -2.38 -12.07
N GLU D 48 23.75 -3.19 -13.07
CA GLU D 48 24.75 -2.84 -14.08
C GLU D 48 24.36 -1.59 -14.84
N PHE D 49 23.15 -1.58 -15.41
CA PHE D 49 22.68 -0.39 -16.11
C PHE D 49 22.80 0.84 -15.24
N LEU D 50 22.41 0.72 -13.98
CA LEU D 50 22.39 1.88 -13.10
C LEU D 50 23.79 2.38 -12.70
N TYR D 51 24.65 1.47 -12.29
CA TYR D 51 25.97 1.92 -11.87
C TYR D 51 26.79 2.42 -13.06
N LYS D 52 26.66 1.75 -14.20
CA LYS D 52 27.35 2.22 -15.40
C LYS D 52 26.87 3.62 -15.76
N THR D 53 25.56 3.81 -15.77
CA THR D 53 25.02 5.12 -16.13
C THR D 53 25.38 6.19 -15.11
N ALA D 54 25.43 5.81 -13.83
CA ALA D 54 25.81 6.75 -12.79
C ALA D 54 27.22 7.28 -12.97
N GLY D 55 28.07 6.46 -13.59
CA GLY D 55 29.43 6.87 -13.91
C GLY D 55 30.19 7.45 -12.74
N GLY D 56 30.12 6.76 -11.60
CA GLY D 56 30.87 7.16 -10.42
C GLY D 56 30.30 8.27 -9.56
N LEU D 57 29.16 8.84 -9.95
CA LEU D 57 28.49 9.85 -9.11
C LEU D 57 27.56 9.13 -8.12
N ILE D 58 27.29 9.77 -6.99
CA ILE D 58 26.39 9.19 -5.98
C ILE D 58 24.94 9.56 -6.21
N TYR D 59 24.07 8.55 -6.28
CA TYR D 59 22.64 8.76 -6.49
C TYR D 59 21.79 8.05 -5.45
N TRP D 60 20.82 8.77 -4.87
CA TRP D 60 19.84 8.11 -4.03
C TRP D 60 19.07 7.12 -4.90
N ILE D 61 18.79 5.95 -4.35
CA ILE D 61 17.83 5.04 -4.97
C ILE D 61 16.77 4.74 -3.93
N GLY D 62 15.83 3.86 -4.27
CA GLY D 62 14.61 3.72 -3.49
C GLY D 62 14.76 2.84 -2.28
N LEU D 63 16.00 2.62 -1.84
CA LEU D 63 16.33 1.87 -0.63
C LEU D 63 16.02 2.64 0.66
N THR D 64 15.26 2.02 1.56
CA THR D 64 15.02 2.67 2.83
C THR D 64 14.57 1.66 3.88
N LYS D 65 14.90 1.95 5.15
CA LYS D 65 14.45 1.09 6.25
C LYS D 65 12.97 1.30 6.52
N ALA D 66 12.27 0.21 6.83
CA ALA D 66 10.87 0.27 7.21
C ALA D 66 10.53 -0.91 8.13
N GLY D 67 9.58 -0.71 9.03
CA GLY D 67 9.16 -1.77 9.94
C GLY D 67 9.84 -1.71 11.29
N MET D 68 9.35 -2.55 12.20
CA MET D 68 9.87 -2.63 13.57
C MET D 68 11.38 -2.86 13.65
N GLU D 69 11.87 -3.76 12.80
CA GLU D 69 13.27 -4.20 12.86
C GLU D 69 14.20 -3.42 11.94
N GLY D 70 13.64 -2.42 11.25
CA GLY D 70 14.41 -1.61 10.33
C GLY D 70 15.00 -2.43 9.19
N ASP D 71 14.25 -3.42 8.71
CA ASP D 71 14.69 -4.15 7.53
C ASP D 71 14.63 -3.24 6.32
N TRP D 72 15.52 -3.47 5.37
CA TRP D 72 15.53 -2.66 4.17
C TRP D 72 14.32 -2.98 3.31
N SER D 73 13.84 -1.96 2.60
CA SER D 73 12.67 -2.08 1.75
C SER D 73 12.85 -1.20 0.54
N TRP D 74 11.98 -1.37 -0.45
CA TRP D 74 11.93 -0.50 -1.63
C TRP D 74 10.71 0.41 -1.54
N VAL D 75 10.94 1.70 -1.79
CA VAL D 75 9.85 2.66 -1.69
C VAL D 75 8.76 2.42 -2.73
N ASP D 76 9.10 1.79 -3.85
CA ASP D 76 8.08 1.46 -4.88
C ASP D 76 7.27 0.20 -4.54
N ASP D 77 7.54 -0.34 -3.35
CA ASP D 77 6.82 -1.48 -2.75
C ASP D 77 7.21 -2.84 -3.32
N THR D 78 8.17 -2.87 -4.24
CA THR D 78 8.79 -4.14 -4.61
C THR D 78 9.24 -4.83 -3.32
N PRO D 79 8.79 -6.07 -3.08
CA PRO D 79 9.34 -6.83 -1.95
C PRO D 79 10.88 -6.84 -1.98
N PHE D 80 11.49 -6.61 -0.83
CA PHE D 80 12.94 -6.59 -0.76
C PHE D 80 13.49 -7.99 -0.50
N ASN D 81 14.38 -8.44 -1.39
CA ASN D 81 14.94 -9.77 -1.32
C ASN D 81 16.33 -9.67 -0.69
N LYS D 82 16.44 -9.96 0.60
CA LYS D 82 17.68 -9.71 1.30
C LYS D 82 18.80 -10.58 0.77
N VAL D 83 18.49 -11.86 0.56
CA VAL D 83 19.51 -12.79 0.06
C VAL D 83 20.06 -12.33 -1.28
N GLN D 84 19.17 -12.08 -2.24
CA GLN D 84 19.58 -11.75 -3.60
C GLN D 84 20.16 -10.33 -3.72
N SER D 85 19.94 -9.50 -2.71
CA SER D 85 20.49 -8.15 -2.74
C SER D 85 21.86 -8.08 -2.09
N ALA D 86 22.23 -9.12 -1.35
CA ALA D 86 23.43 -9.06 -0.52
C ALA D 86 24.66 -8.67 -1.33
N ARG D 87 24.69 -9.12 -2.57
CA ARG D 87 25.85 -8.91 -3.41
C ARG D 87 25.90 -7.49 -4.00
N PHE D 88 24.89 -6.69 -3.73
CA PHE D 88 24.81 -5.34 -4.31
C PHE D 88 25.32 -4.23 -3.40
N TRP D 89 25.58 -4.53 -2.12
CA TRP D 89 26.12 -3.54 -1.19
C TRP D 89 27.63 -3.42 -1.35
N ILE D 90 28.16 -2.22 -1.16
CA ILE D 90 29.60 -2.04 -1.01
C ILE D 90 30.04 -2.85 0.20
N PRO D 91 31.14 -3.62 0.07
CA PRO D 91 31.57 -4.48 1.19
C PRO D 91 31.64 -3.72 2.51
N GLY D 92 30.97 -4.23 3.53
CA GLY D 92 30.96 -3.59 4.84
C GLY D 92 29.75 -2.71 5.10
N GLU D 93 29.04 -2.37 4.02
CA GLU D 93 27.77 -1.69 4.13
C GLU D 93 26.66 -2.74 4.07
N PRO D 94 25.49 -2.43 4.65
CA PRO D 94 25.18 -1.19 5.37
C PRO D 94 25.75 -1.20 6.78
N ASN D 95 26.31 -0.07 7.20
CA ASN D 95 26.98 -0.03 8.49
C ASN D 95 26.33 0.91 9.50
N ASN D 96 25.20 1.51 9.12
CA ASN D 96 24.46 2.39 10.01
C ASN D 96 25.36 3.34 10.80
N ALA D 97 26.26 4.03 10.09
CA ALA D 97 27.16 4.97 10.74
C ALA D 97 26.41 5.98 11.62
N GLY D 98 26.80 6.07 12.89
CA GLY D 98 26.17 7.01 13.80
C GLY D 98 24.73 6.65 14.13
N ASN D 99 24.37 5.38 13.90
CA ASN D 99 23.00 4.90 14.04
C ASN D 99 21.99 5.82 13.35
N ASN D 100 22.38 6.36 12.20
CA ASN D 100 21.56 7.34 11.52
C ASN D 100 21.59 7.23 10.00
N GLU D 101 21.84 6.02 9.50
CA GLU D 101 21.85 5.81 8.04
C GLU D 101 20.73 4.88 7.62
N HIS D 102 19.58 5.48 7.31
CA HIS D 102 18.36 4.71 7.11
C HIS D 102 17.84 4.72 5.67
N CYS D 103 18.63 5.29 4.76
CA CYS D 103 18.28 5.27 3.33
C CYS D 103 19.50 4.80 2.57
N GLY D 104 19.33 4.44 1.30
CA GLY D 104 20.45 3.91 0.55
C GLY D 104 20.68 4.60 -0.78
N ASN D 105 21.94 4.67 -1.19
CA ASN D 105 22.30 5.26 -2.46
C ASN D 105 23.19 4.32 -3.27
N ILE D 106 23.37 4.62 -4.55
CA ILE D 106 24.36 3.93 -5.37
C ILE D 106 25.59 4.81 -5.28
N LYS D 107 26.73 4.21 -4.95
CA LYS D 107 27.90 4.99 -4.60
C LYS D 107 29.13 4.60 -5.42
N ALA D 108 29.28 3.31 -5.70
CA ALA D 108 30.49 2.83 -6.39
C ALA D 108 30.13 2.25 -7.75
N PRO D 109 31.02 2.42 -8.76
CA PRO D 109 30.73 1.85 -10.07
C PRO D 109 31.13 0.37 -10.13
N SER D 110 30.31 -0.46 -9.51
CA SER D 110 30.60 -1.87 -9.36
C SER D 110 29.28 -2.54 -9.05
N LEU D 111 29.18 -3.86 -9.26
CA LEU D 111 28.01 -4.58 -8.80
C LEU D 111 27.83 -4.36 -7.31
N GLN D 112 28.95 -4.22 -6.58
CA GLN D 112 28.90 -3.80 -5.18
C GLN D 112 28.86 -2.29 -5.06
N ALA D 113 27.66 -1.74 -5.12
CA ALA D 113 27.50 -0.30 -5.32
C ALA D 113 26.79 0.43 -4.19
N TRP D 114 25.96 -0.27 -3.42
CA TRP D 114 25.06 0.42 -2.50
C TRP D 114 25.73 0.77 -1.18
N ASN D 115 25.30 1.91 -0.64
CA ASN D 115 25.68 2.32 0.71
C ASN D 115 24.48 2.89 1.45
N ASP D 116 24.46 2.71 2.78
CA ASP D 116 23.48 3.39 3.59
C ASP D 116 23.98 4.75 4.07
N ALA D 117 23.12 5.75 3.96
CA ALA D 117 23.46 7.11 4.35
C ALA D 117 22.26 7.78 5.01
N PRO D 118 22.51 8.87 5.75
CA PRO D 118 21.38 9.53 6.40
C PRO D 118 20.40 10.10 5.38
N CYS D 119 19.11 9.84 5.62
CA CYS D 119 18.06 10.25 4.71
C CYS D 119 17.99 11.75 4.46
N ASP D 120 18.45 12.55 5.42
CA ASP D 120 18.35 14.00 5.32
C ASP D 120 19.54 14.65 4.63
N LYS D 121 20.48 13.83 4.15
CA LYS D 121 21.59 14.31 3.36
C LYS D 121 21.14 14.49 1.91
N THR D 122 21.75 15.40 1.17
CA THR D 122 21.33 15.66 -0.22
C THR D 122 22.28 15.01 -1.22
N PHE D 123 21.69 14.32 -2.21
CA PHE D 123 22.43 13.75 -3.34
C PHE D 123 21.57 13.85 -4.58
N LEU D 124 22.19 13.69 -5.74
CA LEU D 124 21.46 13.42 -6.95
C LEU D 124 20.66 12.13 -6.75
N PHE D 125 19.67 11.89 -7.59
CA PHE D 125 18.79 10.74 -7.36
C PHE D 125 18.33 10.10 -8.67
N ILE D 126 17.86 8.87 -8.60
CA ILE D 126 17.37 8.17 -9.79
C ILE D 126 15.91 7.75 -9.66
N CYS D 127 15.05 8.27 -10.54
CA CYS D 127 13.64 7.87 -10.61
C CYS D 127 13.46 6.74 -11.63
N LYS D 128 12.44 5.91 -11.40
CA LYS D 128 12.10 4.81 -12.29
C LYS D 128 10.61 4.83 -12.52
N ARG D 129 10.19 4.72 -13.77
CA ARG D 129 8.77 4.53 -14.03
C ARG D 129 8.50 3.57 -15.18
N PRO D 130 7.39 2.82 -15.09
CA PRO D 130 7.13 1.79 -16.09
C PRO D 130 6.91 2.41 -17.46
N TYR D 131 7.29 1.68 -18.50
CA TYR D 131 6.90 2.06 -19.84
C TYR D 131 5.40 1.78 -19.92
N VAL D 132 4.64 2.77 -20.37
CA VAL D 132 3.20 2.59 -20.57
C VAL D 132 2.85 2.43 -22.06
N PRO D 133 2.64 1.17 -22.49
CA PRO D 133 2.27 0.83 -23.88
C PRO D 133 0.84 1.27 -24.21
#